data_8QGO
#
_entry.id   8QGO
#
_cell.length_a   62.969
_cell.length_b   74.436
_cell.length_c   118.370
_cell.angle_alpha   90.000
_cell.angle_beta   90.000
_cell.angle_gamma   90.000
#
_symmetry.space_group_name_H-M   'I 2 2 2'
#
loop_
_entity.id
_entity.type
_entity.pdbx_description
1 polymer 'NAD kinase 1'
2 non-polymer 'CITRIC ACID'
3 non-polymer 1-[[(2~{R},3~{S},4~{R},5~{R})-5-[8-[3-[[(2~{R},3~{S},4~{R},5~{R})-5-(6-aminopurin-9-yl)-3,4-bis(oxidanyl)oxolan-2-yl]methyl-methyl-amino]prop-1-ynyl]-6-azanyl-purin-9-yl]-3,4-bis(oxidanyl)oxolan-2-yl]methyl]-3-ethyl-urea
4 water water
#
_entity_poly.entity_id   1
_entity_poly.type   'polypeptide(L)'
_entity_poly.pdbx_seq_one_letter_code
;MKYMITSKGDEKSDLLRLNMIAGFGEYDMEYDDVEPEIVISIGGDGTFLSAFHQYEERLDEIAFIGIHTGHLGFYADWRP
AEADKLVKLLAKGEYQKVSYPLLKTTVKYGIGKKEATYLALNESTVKSSGGPFVVDVVINDIHFERFRGDGLCMSTPSGT
TAYNKSLGGALMHPSIEAMQLTEMASINNRVYRTIGSPLVFPKHHVVSLQPVNDKDFQISVDHLSILHRDVQEIRYEVSA
KKIHFARFRSFPFWRRVHDSFIEDLEHHHHHH
;
_entity_poly.pdbx_strand_id   A
#
# COMPACT_ATOMS: atom_id res chain seq x y z
N MET A 1 -11.54 8.07 22.50
CA MET A 1 -12.00 8.98 21.46
C MET A 1 -12.91 8.25 20.46
N LYS A 2 -13.16 8.87 19.31
CA LYS A 2 -13.95 8.22 18.28
C LYS A 2 -13.14 7.10 17.65
N TYR A 3 -13.80 5.97 17.41
CA TYR A 3 -13.14 4.81 16.80
C TYR A 3 -14.14 4.08 15.92
N MET A 4 -13.63 3.24 15.02
CA MET A 4 -14.48 2.27 14.37
C MET A 4 -13.69 0.98 14.16
N ILE A 5 -14.41 -0.10 13.87
CA ILE A 5 -13.77 -1.40 13.67
C ILE A 5 -14.29 -2.00 12.38
N THR A 6 -13.39 -2.36 11.47
CA THR A 6 -13.76 -3.10 10.28
CA THR A 6 -13.77 -3.11 10.28
C THR A 6 -13.46 -4.57 10.50
N SER A 7 -14.22 -5.42 9.84
CA SER A 7 -14.08 -6.86 10.00
C SER A 7 -13.97 -7.52 8.63
N LYS A 8 -13.12 -8.55 8.56
CA LYS A 8 -13.09 -9.38 7.36
C LYS A 8 -14.45 -9.99 7.07
N GLY A 9 -15.28 -10.19 8.09
CA GLY A 9 -16.63 -10.67 7.87
C GLY A 9 -16.84 -12.16 8.06
N ASP A 10 -15.82 -12.90 8.49
CA ASP A 10 -16.07 -14.26 8.92
C ASP A 10 -16.57 -14.24 10.37
N GLU A 11 -17.04 -15.41 10.83
CA GLU A 11 -17.58 -15.49 12.18
C GLU A 11 -16.58 -15.02 13.22
N LYS A 12 -15.32 -15.45 13.09
CA LYS A 12 -14.32 -15.14 14.10
C LYS A 12 -14.06 -13.64 14.19
N SER A 13 -13.93 -12.97 13.04
CA SER A 13 -13.65 -11.54 13.04
C SER A 13 -14.86 -10.73 13.48
N ASP A 14 -16.06 -11.14 13.05
CA ASP A 14 -17.27 -10.44 13.47
C ASP A 14 -17.46 -10.53 14.97
N LEU A 15 -17.25 -11.72 15.55
CA LEU A 15 -17.44 -11.88 16.99
C LEU A 15 -16.40 -11.08 17.77
N LEU A 16 -15.15 -11.08 17.30
CA LEU A 16 -14.13 -10.29 17.99
C LEU A 16 -14.49 -8.82 17.94
N ARG A 17 -14.96 -8.36 16.78
CA ARG A 17 -15.40 -6.97 16.65
C ARG A 17 -16.49 -6.64 17.66
N LEU A 18 -17.51 -7.51 17.77
CA LEU A 18 -18.60 -7.23 18.70
C LEU A 18 -18.10 -7.22 20.14
N ASN A 19 -17.17 -8.10 20.48
CA ASN A 19 -16.64 -8.13 21.85
C ASN A 19 -15.78 -6.89 22.13
N MET A 20 -15.05 -6.39 21.13
CA MET A 20 -14.26 -5.19 21.36
C MET A 20 -15.16 -3.98 21.50
N ILE A 21 -16.22 -3.89 20.69
CA ILE A 21 -17.20 -2.83 20.87
C ILE A 21 -17.77 -2.86 22.27
N ALA A 22 -18.04 -4.04 22.80
CA ALA A 22 -18.56 -4.14 24.16
C ALA A 22 -17.53 -3.62 25.16
N GLY A 23 -16.27 -4.04 25.01
CA GLY A 23 -15.22 -3.54 25.88
C GLY A 23 -15.08 -2.03 25.80
N PHE A 24 -15.11 -1.48 24.59
CA PHE A 24 -14.97 -0.03 24.44
C PHE A 24 -16.12 0.71 25.11
N GLY A 25 -17.30 0.08 25.17
CA GLY A 25 -18.44 0.70 25.84
C GLY A 25 -18.22 0.91 27.33
N GLU A 26 -17.22 0.26 27.91
CA GLU A 26 -16.88 0.49 29.30
C GLU A 26 -15.93 1.68 29.48
N TYR A 27 -15.61 2.39 28.40
CA TYR A 27 -14.74 3.56 28.43
C TYR A 27 -15.40 4.71 27.68
N ASP A 28 -14.74 5.86 27.69
CA ASP A 28 -15.21 7.04 26.96
C ASP A 28 -14.80 6.90 25.51
N MET A 29 -15.39 5.91 24.85
CA MET A 29 -15.08 5.58 23.47
C MET A 29 -16.38 5.58 22.67
N GLU A 30 -16.50 6.52 21.75
CA GLU A 30 -17.67 6.61 20.88
C GLU A 30 -17.39 5.89 19.57
N TYR A 31 -18.26 4.94 19.22
CA TYR A 31 -18.18 4.33 17.91
C TYR A 31 -18.63 5.34 16.86
N ASP A 32 -17.78 5.62 15.88
CA ASP A 32 -18.07 6.62 14.86
C ASP A 32 -17.28 6.24 13.62
N ASP A 33 -17.97 5.73 12.59
CA ASP A 33 -17.28 5.37 11.37
C ASP A 33 -17.31 6.47 10.32
N VAL A 34 -17.86 7.64 10.64
CA VAL A 34 -17.73 8.76 9.73
C VAL A 34 -16.42 9.50 9.97
N GLU A 35 -16.15 9.89 11.21
CA GLU A 35 -14.95 10.64 11.56
C GLU A 35 -14.24 9.96 12.73
N PRO A 36 -13.84 8.71 12.57
CA PRO A 36 -13.06 8.05 13.61
C PRO A 36 -11.68 8.69 13.75
N GLU A 37 -11.12 8.57 14.95
CA GLU A 37 -9.72 8.89 15.15
C GLU A 37 -8.85 7.65 15.29
N ILE A 38 -9.44 6.51 15.62
CA ILE A 38 -8.78 5.22 15.63
C ILE A 38 -9.58 4.30 14.72
N VAL A 39 -8.89 3.60 13.83
CA VAL A 39 -9.50 2.62 12.95
C VAL A 39 -8.84 1.28 13.23
N ILE A 40 -9.63 0.32 13.71
CA ILE A 40 -9.15 -1.03 13.99
C ILE A 40 -9.63 -1.95 12.89
N SER A 41 -8.69 -2.66 12.29
CA SER A 41 -8.96 -3.64 11.24
C SER A 41 -8.80 -5.04 11.81
N ILE A 42 -9.84 -5.86 11.68
CA ILE A 42 -9.81 -7.25 12.17
C ILE A 42 -9.91 -8.17 10.96
N GLY A 43 -8.81 -8.86 10.65
CA GLY A 43 -8.82 -9.74 9.50
C GLY A 43 -7.41 -10.07 9.07
N GLY A 44 -7.09 -9.75 7.83
CA GLY A 44 -5.75 -9.93 7.30
C GLY A 44 -5.27 -8.62 6.71
N ASP A 45 -4.20 -8.68 5.92
CA ASP A 45 -3.67 -7.45 5.33
C ASP A 45 -4.63 -6.89 4.29
N GLY A 46 -5.37 -7.75 3.59
CA GLY A 46 -6.39 -7.25 2.68
C GLY A 46 -7.43 -6.42 3.41
N THR A 47 -7.87 -6.90 4.59
CA THR A 47 -8.80 -6.13 5.40
C THR A 47 -8.20 -4.81 5.80
N PHE A 48 -6.91 -4.82 6.17
CA PHE A 48 -6.25 -3.59 6.57
C PHE A 48 -6.16 -2.62 5.41
N LEU A 49 -5.77 -3.12 4.24
CA LEU A 49 -5.67 -2.25 3.08
C LEU A 49 -7.02 -1.63 2.76
N SER A 50 -8.10 -2.40 2.95
CA SER A 50 -9.42 -1.85 2.66
CA SER A 50 -9.43 -1.87 2.68
C SER A 50 -9.79 -0.77 3.67
N ALA A 51 -9.42 -0.96 4.94
CA ALA A 51 -9.66 0.08 5.93
C ALA A 51 -8.89 1.35 5.59
N PHE A 52 -7.63 1.20 5.18
CA PHE A 52 -6.85 2.35 4.75
C PHE A 52 -7.56 3.10 3.64
N HIS A 53 -8.07 2.39 2.64
CA HIS A 53 -8.68 3.09 1.52
C HIS A 53 -10.03 3.67 1.88
N GLN A 54 -10.72 3.07 2.86
CA GLN A 54 -11.97 3.64 3.32
C GLN A 54 -11.76 5.02 3.93
N TYR A 55 -10.60 5.26 4.53
CA TYR A 55 -10.35 6.53 5.21
C TYR A 55 -9.18 7.30 4.62
N GLU A 56 -8.87 7.09 3.33
CA GLU A 56 -7.71 7.73 2.74
C GLU A 56 -7.82 9.24 2.69
N GLU A 57 -9.01 9.80 2.90
CA GLU A 57 -9.17 11.25 2.90
C GLU A 57 -9.04 11.86 4.28
N ARG A 58 -8.86 11.06 5.33
CA ARG A 58 -8.67 11.57 6.67
C ARG A 58 -7.42 10.97 7.32
N LEU A 59 -6.41 10.66 6.50
CA LEU A 59 -5.25 9.95 7.01
C LEU A 59 -4.51 10.73 8.09
N ASP A 60 -4.56 12.06 8.05
CA ASP A 60 -3.83 12.82 9.08
C ASP A 60 -4.62 12.94 10.37
N GLU A 61 -5.86 12.44 10.42
CA GLU A 61 -6.66 12.46 11.64
C GLU A 61 -6.83 11.09 12.28
N ILE A 62 -6.28 10.03 11.69
CA ILE A 62 -6.56 8.65 12.09
C ILE A 62 -5.28 7.92 12.43
N ALA A 63 -5.31 7.11 13.47
CA ALA A 63 -4.28 6.12 13.74
C ALA A 63 -4.88 4.73 13.54
N PHE A 64 -4.18 3.89 12.79
CA PHE A 64 -4.65 2.57 12.41
C PHE A 64 -4.05 1.49 13.31
N ILE A 65 -4.85 0.45 13.57
CA ILE A 65 -4.39 -0.74 14.27
C ILE A 65 -4.95 -1.96 13.56
N GLY A 66 -4.12 -2.98 13.37
CA GLY A 66 -4.55 -4.22 12.72
C GLY A 66 -4.47 -5.41 13.67
N ILE A 67 -5.52 -6.22 13.67
CA ILE A 67 -5.56 -7.49 14.37
C ILE A 67 -5.66 -8.58 13.31
N HIS A 68 -4.82 -9.60 13.40
CA HIS A 68 -4.84 -10.67 12.40
C HIS A 68 -5.54 -11.90 12.98
N THR A 69 -6.65 -12.29 12.37
CA THR A 69 -7.36 -13.46 12.85
C THR A 69 -6.89 -14.74 12.18
N GLY A 70 -6.17 -14.64 11.08
CA GLY A 70 -5.44 -15.74 10.50
C GLY A 70 -3.96 -15.63 10.77
N HIS A 71 -3.15 -16.09 9.82
CA HIS A 71 -1.71 -15.97 9.94
C HIS A 71 -1.32 -14.52 10.16
N LEU A 72 -0.15 -14.32 10.79
CA LEU A 72 0.34 -12.98 11.05
C LEU A 72 0.31 -12.15 9.78
N GLY A 73 -0.57 -11.15 9.75
CA GLY A 73 -0.56 -10.19 8.68
C GLY A 73 0.50 -9.14 8.93
N PHE A 74 1.03 -8.60 7.84
CA PHE A 74 2.17 -7.71 7.99
C PHE A 74 1.77 -6.40 8.65
N TYR A 75 0.58 -5.89 8.36
CA TYR A 75 0.11 -4.66 8.99
C TYR A 75 -0.56 -4.92 10.32
N ALA A 76 -0.56 -6.16 10.78
CA ALA A 76 -1.15 -6.54 12.07
C ALA A 76 -0.13 -6.45 13.20
N ASP A 77 -0.52 -5.84 14.33
CA ASP A 77 0.28 -5.82 15.55
C ASP A 77 -0.24 -6.73 16.65
N TRP A 78 -1.44 -7.27 16.51
CA TRP A 78 -2.11 -7.95 17.60
C TRP A 78 -2.69 -9.27 17.11
N ARG A 79 -2.61 -10.28 17.95
CA ARG A 79 -3.38 -11.49 17.81
C ARG A 79 -4.73 -11.31 18.49
N PRO A 80 -5.73 -12.08 18.09
CA PRO A 80 -7.06 -11.93 18.71
C PRO A 80 -7.07 -12.14 20.21
N ALA A 81 -6.17 -12.98 20.73
CA ALA A 81 -6.13 -13.22 22.17
C ALA A 81 -5.80 -11.97 22.96
N GLU A 82 -5.23 -10.95 22.32
CA GLU A 82 -4.82 -9.72 22.98
C GLU A 82 -5.81 -8.59 22.81
N ALA A 83 -7.00 -8.86 22.27
CA ALA A 83 -7.94 -7.78 22.00
C ALA A 83 -8.30 -7.02 23.27
N ASP A 84 -8.54 -7.75 24.37
CA ASP A 84 -8.93 -7.08 25.60
C ASP A 84 -7.82 -6.18 26.11
N LYS A 85 -6.56 -6.63 26.01
CA LYS A 85 -5.44 -5.78 26.39
C LYS A 85 -5.38 -4.54 25.51
N LEU A 86 -5.66 -4.70 24.22
CA LEU A 86 -5.67 -3.58 23.27
C LEU A 86 -6.76 -2.57 23.62
N VAL A 87 -7.98 -3.06 23.88
CA VAL A 87 -9.06 -2.17 24.31
C VAL A 87 -8.59 -1.31 25.48
N LYS A 88 -8.05 -1.95 26.52
CA LYS A 88 -7.58 -1.21 27.69
C LYS A 88 -6.52 -0.18 27.30
N LEU A 89 -5.47 -0.63 26.61
CA LEU A 89 -4.38 0.30 26.30
C LEU A 89 -4.85 1.46 25.45
N LEU A 90 -5.68 1.18 24.43
CA LEU A 90 -6.24 2.26 23.61
C LEU A 90 -7.09 3.21 24.45
N ALA A 91 -7.90 2.65 25.36
CA ALA A 91 -8.78 3.49 26.16
C ALA A 91 -7.99 4.52 26.96
N LYS A 92 -6.87 4.10 27.56
CA LYS A 92 -6.07 4.99 28.39
C LYS A 92 -5.21 5.96 27.57
N GLY A 93 -5.11 5.76 26.26
CA GLY A 93 -4.27 6.61 25.43
C GLY A 93 -2.79 6.34 25.55
N GLU A 94 -2.42 5.12 25.93
CA GLU A 94 -1.02 4.77 26.18
C GLU A 94 -0.38 4.26 24.89
N TYR A 95 -0.14 5.17 23.95
CA TYR A 95 0.42 4.73 22.69
C TYR A 95 1.13 5.87 21.98
N GLN A 96 2.22 5.51 21.30
CA GLN A 96 2.94 6.35 20.37
C GLN A 96 2.43 6.10 18.96
N LYS A 97 2.65 7.07 18.09
CA LYS A 97 2.26 6.92 16.68
C LYS A 97 3.51 6.82 15.81
N VAL A 98 3.49 5.89 14.88
CA VAL A 98 4.55 5.73 13.89
C VAL A 98 3.93 5.95 12.52
N SER A 99 4.72 6.51 11.62
CA SER A 99 4.23 6.84 10.29
C SER A 99 5.03 6.10 9.22
N TYR A 100 4.31 5.56 8.22
CA TYR A 100 4.95 4.99 7.04
C TYR A 100 4.68 5.85 5.80
N PRO A 101 5.61 5.88 4.85
CA PRO A 101 5.39 6.66 3.62
C PRO A 101 4.38 5.99 2.71
N LEU A 102 3.80 6.80 1.80
CA LEU A 102 2.81 6.33 0.85
C LEU A 102 3.25 6.72 -0.55
N LEU A 103 2.58 6.12 -1.52
CA LEU A 103 2.90 6.32 -2.94
C LEU A 103 1.75 7.05 -3.63
N LYS A 104 2.07 8.12 -4.36
CA LYS A 104 1.08 8.84 -5.16
C LYS A 104 1.23 8.40 -6.60
N THR A 105 0.11 7.99 -7.22
CA THR A 105 0.03 7.68 -8.64
C THR A 105 -0.92 8.67 -9.30
N THR A 106 -0.45 9.33 -10.35
CA THR A 106 -1.29 10.22 -11.14
C THR A 106 -1.44 9.63 -12.52
N VAL A 107 -2.67 9.53 -13.01
CA VAL A 107 -2.96 9.05 -14.35
C VAL A 107 -3.54 10.22 -15.14
N LYS A 108 -2.86 10.60 -16.21
CA LYS A 108 -3.30 11.67 -17.09
C LYS A 108 -3.87 11.06 -18.36
N TYR A 109 -4.95 11.66 -18.87
CA TYR A 109 -5.65 11.19 -20.06
C TYR A 109 -5.56 12.18 -21.20
N GLY A 110 -5.90 11.70 -22.39
CA GLY A 110 -6.04 12.56 -23.54
C GLY A 110 -7.48 13.03 -23.72
N ILE A 111 -7.68 13.82 -24.78
CA ILE A 111 -8.99 14.41 -25.08
C ILE A 111 -9.53 15.07 -23.83
N GLY A 112 -8.68 15.84 -23.13
CA GLY A 112 -9.07 16.59 -21.97
C GLY A 112 -9.93 15.85 -20.97
N LYS A 113 -9.57 14.60 -20.68
CA LYS A 113 -10.24 13.81 -19.64
C LYS A 113 -9.53 13.92 -18.29
N LYS A 114 -8.68 14.93 -18.11
CA LYS A 114 -8.22 15.33 -16.80
C LYS A 114 -7.19 14.38 -16.20
N GLU A 115 -7.08 14.38 -14.87
CA GLU A 115 -6.19 13.51 -14.11
C GLU A 115 -6.98 12.76 -13.06
N ALA A 116 -6.54 11.54 -12.77
CA ALA A 116 -6.98 10.80 -11.60
C ALA A 116 -5.76 10.55 -10.73
N THR A 117 -5.90 10.71 -9.42
CA THR A 117 -4.82 10.43 -8.49
C THR A 117 -5.22 9.34 -7.51
N TYR A 118 -4.24 8.51 -7.16
CA TYR A 118 -4.47 7.41 -6.24
C TYR A 118 -3.34 7.36 -5.22
N LEU A 119 -3.68 6.89 -4.03
CA LEU A 119 -2.71 6.71 -2.96
C LEU A 119 -2.56 5.23 -2.68
N ALA A 120 -1.33 4.75 -2.53
CA ALA A 120 -1.08 3.35 -2.28
C ALA A 120 -0.28 3.15 -1.00
N LEU A 121 -0.70 2.15 -0.21
CA LEU A 121 0.04 1.70 0.96
C LEU A 121 1.01 0.56 0.63
N ASN A 122 0.65 -0.30 -0.32
CA ASN A 122 1.55 -1.37 -0.75
C ASN A 122 2.23 -0.97 -2.06
N GLU A 123 1.48 -0.89 -3.14
CA GLU A 123 2.12 -0.61 -4.42
C GLU A 123 1.07 -0.22 -5.45
N SER A 124 1.57 0.31 -6.56
CA SER A 124 0.79 0.53 -7.76
C SER A 124 1.48 -0.21 -8.89
N THR A 125 0.73 -0.99 -9.65
CA THR A 125 1.33 -1.71 -10.78
C THR A 125 0.64 -1.31 -12.06
N VAL A 126 1.33 -1.53 -13.17
CA VAL A 126 0.78 -1.24 -14.47
CA VAL A 126 0.83 -1.22 -14.50
C VAL A 126 1.09 -2.40 -15.40
N LYS A 127 0.08 -2.80 -16.16
CA LYS A 127 0.15 -3.83 -17.19
C LYS A 127 -0.65 -3.33 -18.40
N SER A 128 -0.51 -4.01 -19.52
CA SER A 128 -1.31 -3.66 -20.69
C SER A 128 -2.74 -4.16 -20.52
N SER A 129 -3.66 -3.59 -21.29
CA SER A 129 -5.05 -4.01 -21.22
C SER A 129 -5.24 -5.21 -22.13
N GLY A 130 -4.18 -5.96 -22.35
CA GLY A 130 -4.18 -6.95 -23.40
C GLY A 130 -3.33 -6.44 -24.55
N GLY A 131 -2.52 -7.31 -25.11
CA GLY A 131 -1.52 -6.89 -26.09
C GLY A 131 -0.27 -6.45 -25.38
N PRO A 132 0.82 -6.25 -26.13
CA PRO A 132 2.12 -6.06 -25.48
C PRO A 132 2.17 -4.76 -24.69
N PHE A 133 2.88 -4.82 -23.56
CA PHE A 133 3.11 -3.67 -22.70
C PHE A 133 4.43 -3.03 -23.07
N VAL A 134 4.39 -1.77 -23.52
CA VAL A 134 5.59 -1.03 -23.91
C VAL A 134 5.42 0.40 -23.40
N VAL A 135 6.32 0.85 -22.54
CA VAL A 135 6.29 2.23 -22.07
C VAL A 135 7.69 2.80 -22.06
N ASP A 136 7.78 4.10 -22.31
CA ASP A 136 9.02 4.81 -22.01
C ASP A 136 9.03 5.22 -20.55
N VAL A 137 10.15 4.96 -19.88
CA VAL A 137 10.31 5.29 -18.47
C VAL A 137 11.13 6.56 -18.38
N VAL A 138 10.54 7.61 -17.84
CA VAL A 138 11.14 8.94 -17.78
C VAL A 138 11.30 9.32 -16.31
N ILE A 139 12.54 9.58 -15.90
CA ILE A 139 12.87 9.88 -14.51
C ILE A 139 13.26 11.34 -14.45
N ASN A 140 12.49 12.14 -13.71
CA ASN A 140 12.74 13.58 -13.64
C ASN A 140 13.02 14.14 -15.02
N ASP A 141 12.16 13.78 -15.97
CA ASP A 141 12.22 14.28 -17.35
C ASP A 141 13.37 13.70 -18.18
N ILE A 142 14.19 12.82 -17.61
CA ILE A 142 15.28 12.14 -18.29
C ILE A 142 14.73 10.84 -18.86
N HIS A 143 14.80 10.65 -20.18
CA HIS A 143 14.39 9.38 -20.77
CA HIS A 143 14.39 9.37 -20.77
C HIS A 143 15.37 8.29 -20.33
N PHE A 144 14.88 7.34 -19.54
CA PHE A 144 15.78 6.35 -18.93
C PHE A 144 15.80 5.02 -19.65
N GLU A 145 14.64 4.49 -20.03
CA GLU A 145 14.63 3.23 -20.77
C GLU A 145 13.29 3.10 -21.45
N ARG A 146 13.23 2.23 -22.45
CA ARG A 146 11.95 1.78 -23.01
C ARG A 146 11.72 0.38 -22.49
N PHE A 147 10.66 0.21 -21.72
CA PHE A 147 10.38 -1.07 -21.08
C PHE A 147 9.39 -1.86 -21.93
N ARG A 148 9.76 -3.09 -22.26
CA ARG A 148 8.86 -4.03 -22.92
C ARG A 148 8.83 -5.29 -22.09
N GLY A 149 7.64 -5.77 -21.74
CA GLY A 149 7.56 -6.90 -20.83
C GLY A 149 6.14 -7.07 -20.33
N ASP A 150 6.03 -7.66 -19.13
CA ASP A 150 4.68 -7.89 -18.62
C ASP A 150 4.11 -6.69 -17.86
N GLY A 151 4.95 -5.88 -17.23
CA GLY A 151 4.44 -4.78 -16.43
C GLY A 151 5.50 -4.26 -15.50
N LEU A 152 5.10 -3.27 -14.71
CA LEU A 152 5.98 -2.62 -13.75
C LEU A 152 5.25 -2.48 -12.42
N CYS A 153 6.01 -2.48 -11.33
CA CYS A 153 5.48 -2.37 -9.98
C CYS A 153 6.23 -1.27 -9.25
N MET A 154 5.50 -0.31 -8.69
CA MET A 154 6.11 0.74 -7.87
C MET A 154 5.59 0.57 -6.45
N SER A 155 6.53 0.34 -5.52
CA SER A 155 6.20 -0.07 -4.16
C SER A 155 6.57 1.02 -3.15
N THR A 156 5.78 1.13 -2.08
CA THR A 156 6.17 1.87 -0.91
C THR A 156 7.17 1.06 -0.08
N PRO A 157 7.80 1.67 0.93
CA PRO A 157 8.66 0.86 1.82
C PRO A 157 7.92 -0.31 2.48
N SER A 158 6.76 -0.06 3.09
CA SER A 158 6.05 -1.19 3.70
C SER A 158 5.52 -2.16 2.66
N GLY A 159 5.32 -1.71 1.42
CA GLY A 159 4.97 -2.65 0.37
C GLY A 159 6.13 -3.49 -0.11
N THR A 160 7.36 -3.21 0.32
CA THR A 160 8.46 -3.95 -0.30
C THR A 160 8.44 -5.41 0.10
N THR A 161 7.76 -5.77 1.19
CA THR A 161 7.62 -7.17 1.57
C THR A 161 6.46 -7.86 0.87
N ALA A 162 5.77 -7.18 -0.04
CA ALA A 162 4.58 -7.72 -0.71
C ALA A 162 4.94 -8.06 -2.16
N TYR A 163 4.18 -7.61 -3.16
CA TYR A 163 4.45 -7.94 -4.55
C TYR A 163 5.90 -7.64 -4.93
N ASN A 164 6.41 -6.50 -4.49
CA ASN A 164 7.80 -6.11 -4.73
C ASN A 164 8.76 -7.25 -4.39
N LYS A 165 8.55 -7.91 -3.26
CA LYS A 165 9.47 -8.98 -2.88
C LYS A 165 9.46 -10.11 -3.89
N SER A 166 8.27 -10.51 -4.35
CA SER A 166 8.13 -11.60 -5.31
C SER A 166 8.77 -11.27 -6.65
N LEU A 167 8.91 -10.00 -6.94
CA LEU A 167 9.51 -9.52 -8.19
C LEU A 167 11.00 -9.29 -8.07
N GLY A 168 11.60 -9.64 -6.92
CA GLY A 168 13.04 -9.51 -6.75
C GLY A 168 13.47 -8.21 -6.11
N GLY A 169 12.53 -7.41 -5.61
CA GLY A 169 12.90 -6.13 -5.04
C GLY A 169 13.58 -6.27 -3.69
N ALA A 170 14.22 -5.18 -3.29
CA ALA A 170 14.82 -5.06 -1.98
C ALA A 170 13.75 -4.79 -0.93
N LEU A 171 13.97 -5.30 0.28
CA LEU A 171 13.12 -4.92 1.41
C LEU A 171 13.72 -3.69 2.06
N MET A 172 12.91 -2.65 2.22
CA MET A 172 13.35 -1.35 2.68
CA MET A 172 13.37 -1.34 2.68
C MET A 172 12.67 -0.98 3.98
N HIS A 173 13.45 -0.59 4.97
CA HIS A 173 12.88 -0.11 6.23
C HIS A 173 11.96 1.08 5.98
N PRO A 174 10.77 1.11 6.60
CA PRO A 174 9.79 2.16 6.26
C PRO A 174 10.14 3.54 6.78
N SER A 175 11.20 3.70 7.58
CA SER A 175 11.66 5.05 7.89
C SER A 175 12.28 5.73 6.69
N ILE A 176 12.57 4.99 5.62
CA ILE A 176 13.15 5.57 4.42
C ILE A 176 12.05 6.09 3.52
N GLU A 177 12.07 7.38 3.22
CA GLU A 177 11.03 7.98 2.38
C GLU A 177 11.43 7.74 0.93
N ALA A 178 10.88 6.70 0.34
CA ALA A 178 11.32 6.25 -0.97
C ALA A 178 10.21 5.44 -1.61
N MET A 179 10.37 5.19 -2.91
CA MET A 179 9.55 4.24 -3.65
C MET A 179 10.49 3.37 -4.47
N GLN A 180 10.05 2.15 -4.77
CA GLN A 180 10.91 1.20 -5.46
C GLN A 180 10.20 0.63 -6.68
N LEU A 181 10.86 0.73 -7.84
CA LEU A 181 10.32 0.24 -9.10
C LEU A 181 10.93 -1.11 -9.47
N THR A 182 10.09 -2.13 -9.65
CA THR A 182 10.55 -3.43 -10.09
C THR A 182 9.92 -3.81 -11.43
N GLU A 183 10.67 -4.62 -12.17
CA GLU A 183 10.22 -5.13 -13.47
C GLU A 183 9.45 -6.43 -13.34
N MET A 184 8.47 -6.61 -14.23
CA MET A 184 7.80 -7.90 -14.44
C MET A 184 8.19 -8.42 -15.82
N ALA A 185 9.04 -9.43 -15.85
CA ALA A 185 9.46 -10.15 -17.05
C ALA A 185 9.76 -9.21 -18.22
N SER A 186 10.84 -8.47 -18.11
CA SER A 186 11.26 -7.63 -19.22
CA SER A 186 11.28 -7.62 -19.21
C SER A 186 11.93 -8.46 -20.29
N ILE A 187 11.74 -8.06 -21.54
CA ILE A 187 12.47 -8.72 -22.61
CA ILE A 187 12.46 -8.66 -22.66
C ILE A 187 13.83 -8.02 -22.75
N ASN A 188 14.87 -8.83 -22.84
CA ASN A 188 16.20 -8.27 -23.02
C ASN A 188 16.93 -9.07 -24.10
N ASN A 189 17.31 -8.39 -25.17
CA ASN A 189 18.09 -9.03 -26.20
C ASN A 189 18.95 -7.96 -26.85
N ARG A 190 19.60 -8.32 -27.94
CA ARG A 190 20.42 -7.35 -28.66
C ARG A 190 19.66 -6.07 -28.99
N VAL A 191 18.33 -6.12 -29.09
CA VAL A 191 17.53 -5.02 -29.59
C VAL A 191 16.76 -4.30 -28.47
N TYR A 192 16.25 -5.04 -27.49
CA TYR A 192 15.48 -4.50 -26.37
C TYR A 192 16.33 -4.56 -25.11
N ARG A 193 16.39 -3.45 -24.37
CA ARG A 193 17.25 -3.36 -23.19
C ARG A 193 16.59 -2.59 -22.05
N THR A 194 16.55 -3.20 -20.86
CA THR A 194 16.14 -2.50 -19.66
C THR A 194 17.22 -2.64 -18.58
N ILE A 195 17.03 -1.91 -17.48
CA ILE A 195 18.04 -1.91 -16.43
C ILE A 195 18.05 -3.24 -15.67
N GLY A 196 16.90 -3.90 -15.57
CA GLY A 196 16.78 -5.20 -14.89
C GLY A 196 16.65 -5.02 -13.40
N SER A 197 17.59 -4.30 -12.81
CA SER A 197 17.64 -4.12 -11.38
C SER A 197 16.46 -3.31 -10.87
N PRO A 198 15.97 -3.61 -9.67
CA PRO A 198 15.05 -2.69 -8.99
C PRO A 198 15.72 -1.32 -8.84
N LEU A 199 14.89 -0.27 -8.87
CA LEU A 199 15.34 1.11 -8.70
C LEU A 199 14.65 1.71 -7.49
N VAL A 200 15.41 2.37 -6.64
CA VAL A 200 14.90 3.02 -5.43
C VAL A 200 15.04 4.52 -5.58
N PHE A 201 13.93 5.24 -5.47
CA PHE A 201 13.83 6.68 -5.68
C PHE A 201 13.51 7.40 -4.39
N PRO A 202 14.15 8.54 -4.14
CA PRO A 202 13.82 9.37 -2.98
C PRO A 202 12.57 10.19 -3.21
N LYS A 203 12.11 10.80 -2.13
CA LYS A 203 11.09 11.83 -2.23
C LYS A 203 11.49 12.89 -3.23
N HIS A 204 10.51 13.42 -3.94
CA HIS A 204 10.61 14.50 -4.91
C HIS A 204 11.10 14.04 -6.29
N HIS A 205 11.60 12.82 -6.43
CA HIS A 205 11.81 12.30 -7.78
C HIS A 205 10.46 11.84 -8.36
N VAL A 206 10.29 12.08 -9.65
CA VAL A 206 9.08 11.73 -10.37
C VAL A 206 9.44 10.72 -11.44
N VAL A 207 8.74 9.60 -11.45
CA VAL A 207 8.89 8.58 -12.47
C VAL A 207 7.63 8.61 -13.30
N SER A 208 7.79 8.86 -14.59
CA SER A 208 6.69 8.98 -15.53
C SER A 208 6.77 7.83 -16.52
N LEU A 209 5.65 7.13 -16.72
CA LEU A 209 5.52 6.13 -17.76
C LEU A 209 4.74 6.73 -18.91
N GLN A 210 5.27 6.61 -20.12
CA GLN A 210 4.66 7.23 -21.28
C GLN A 210 4.40 6.18 -22.35
N PRO A 211 3.17 6.06 -22.82
CA PRO A 211 2.86 5.01 -23.80
C PRO A 211 3.65 5.22 -25.06
N VAL A 212 3.90 4.13 -25.75
CA VAL A 212 4.64 4.11 -27.01
C VAL A 212 3.71 3.85 -28.19
N ASN A 213 2.85 2.84 -28.07
CA ASN A 213 1.84 2.56 -29.09
C ASN A 213 0.46 2.50 -28.44
N ASP A 214 0.14 1.36 -27.85
CA ASP A 214 -1.13 1.18 -27.16
C ASP A 214 -1.22 2.13 -25.95
N LYS A 215 -2.41 2.71 -25.76
CA LYS A 215 -2.61 3.70 -24.71
C LYS A 215 -3.54 3.20 -23.60
N ASP A 216 -3.91 1.93 -23.61
CA ASP A 216 -4.83 1.39 -22.59
C ASP A 216 -4.05 0.52 -21.61
N PHE A 217 -4.30 0.70 -20.32
CA PHE A 217 -3.51 0.04 -19.31
C PHE A 217 -4.40 -0.43 -18.16
N GLN A 218 -4.02 -1.57 -17.59
CA GLN A 218 -4.61 -2.02 -16.34
C GLN A 218 -3.72 -1.52 -15.22
N ILE A 219 -4.25 -0.64 -14.36
CA ILE A 219 -3.49 -0.05 -13.27
C ILE A 219 -4.08 -0.55 -11.96
N SER A 220 -3.23 -1.13 -11.12
CA SER A 220 -3.62 -1.61 -9.81
CA SER A 220 -3.63 -1.60 -9.82
C SER A 220 -3.07 -0.66 -8.76
N VAL A 221 -3.85 -0.43 -7.72
CA VAL A 221 -3.42 0.32 -6.56
C VAL A 221 -3.84 -0.53 -5.38
N ASP A 222 -2.85 -1.12 -4.67
CA ASP A 222 -3.17 -2.09 -3.62
C ASP A 222 -4.06 -3.15 -4.28
N HIS A 223 -5.17 -3.60 -3.71
CA HIS A 223 -5.72 -4.68 -4.53
CA HIS A 223 -5.92 -4.69 -4.33
C HIS A 223 -6.82 -4.24 -5.49
N LEU A 224 -6.91 -2.96 -5.80
CA LEU A 224 -7.91 -2.44 -6.73
C LEU A 224 -7.30 -2.32 -8.14
N SER A 225 -7.88 -3.02 -9.11
CA SER A 225 -7.38 -3.00 -10.48
C SER A 225 -8.39 -2.32 -11.39
N ILE A 226 -7.94 -1.33 -12.15
CA ILE A 226 -8.82 -0.51 -12.97
C ILE A 226 -8.25 -0.40 -14.38
N LEU A 227 -9.13 -0.49 -15.38
CA LEU A 227 -8.74 -0.25 -16.76
C LEU A 227 -8.78 1.25 -17.05
N HIS A 228 -7.66 1.78 -17.52
CA HIS A 228 -7.59 3.17 -17.95
C HIS A 228 -7.38 3.22 -19.45
N ARG A 229 -8.23 3.97 -20.14
CA ARG A 229 -8.14 4.11 -21.58
C ARG A 229 -7.59 5.47 -21.94
N ASP A 230 -6.91 5.53 -23.08
CA ASP A 230 -6.41 6.79 -23.61
C ASP A 230 -5.51 7.50 -22.61
N VAL A 231 -4.56 6.74 -22.06
CA VAL A 231 -3.60 7.27 -21.10
C VAL A 231 -2.48 7.99 -21.83
N GLN A 232 -2.12 9.17 -21.35
CA GLN A 232 -0.96 9.90 -21.85
C GLN A 232 0.24 9.76 -20.94
N GLU A 233 0.02 9.49 -19.66
CA GLU A 233 1.10 9.48 -18.69
C GLU A 233 0.62 8.82 -17.41
N ILE A 234 1.49 8.02 -16.82
CA ILE A 234 1.35 7.57 -15.44
C ILE A 234 2.53 8.11 -14.67
N ARG A 235 2.27 8.81 -13.57
CA ARG A 235 3.32 9.48 -12.80
C ARG A 235 3.34 8.96 -11.37
N TYR A 236 4.52 8.55 -10.92
CA TYR A 236 4.73 8.03 -9.57
C TYR A 236 5.62 8.98 -8.78
N GLU A 237 5.26 9.23 -7.53
CA GLU A 237 6.12 9.99 -6.63
C GLU A 237 5.74 9.62 -5.20
N VAL A 238 6.71 9.73 -4.30
CA VAL A 238 6.41 9.55 -2.88
C VAL A 238 5.42 10.63 -2.45
N SER A 239 4.34 10.21 -1.80
CA SER A 239 3.30 11.12 -1.39
C SER A 239 3.77 12.01 -0.24
N ALA A 240 3.17 13.20 -0.16
CA ALA A 240 3.35 14.02 1.04
C ALA A 240 2.54 13.47 2.21
N LYS A 241 1.56 12.62 1.94
CA LYS A 241 0.72 12.05 2.99
C LYS A 241 1.39 10.81 3.57
N LYS A 242 1.07 10.53 4.84
CA LYS A 242 1.60 9.37 5.52
C LYS A 242 0.47 8.64 6.20
N ILE A 243 0.66 7.34 6.41
CA ILE A 243 -0.24 6.56 7.24
C ILE A 243 0.34 6.50 8.64
N HIS A 244 -0.52 6.62 9.65
CA HIS A 244 -0.11 6.61 11.04
C HIS A 244 -0.65 5.37 11.71
N PHE A 245 0.21 4.67 12.43
CA PHE A 245 -0.17 3.51 13.24
C PHE A 245 -0.13 3.87 14.71
N ALA A 246 -1.08 3.35 15.48
CA ALA A 246 -0.97 3.39 16.93
C ALA A 246 -0.07 2.24 17.37
N ARG A 247 0.99 2.53 18.12
CA ARG A 247 1.90 1.51 18.60
C ARG A 247 1.88 1.48 20.12
N PHE A 248 1.73 0.28 20.69
CA PHE A 248 1.65 0.13 22.14
C PHE A 248 2.85 -0.59 22.72
N ARG A 249 3.66 -1.24 21.88
CA ARG A 249 4.83 -1.97 22.32
C ARG A 249 5.78 -2.03 21.14
N SER A 250 6.99 -2.50 21.42
CA SER A 250 7.97 -2.65 20.35
C SER A 250 7.64 -3.87 19.50
N PHE A 251 7.53 -3.66 18.20
CA PHE A 251 7.50 -4.74 17.22
C PHE A 251 8.27 -4.23 16.03
N PRO A 252 9.61 -4.26 16.10
CA PRO A 252 10.41 -3.63 15.04
C PRO A 252 10.16 -4.27 13.69
N PHE A 253 10.25 -3.43 12.66
CA PHE A 253 10.06 -3.89 11.29
C PHE A 253 10.90 -5.13 10.98
N TRP A 254 12.18 -5.12 11.35
CA TRP A 254 13.01 -6.24 10.97
C TRP A 254 12.61 -7.51 11.73
N ARG A 255 12.09 -7.37 12.95
CA ARG A 255 11.53 -8.54 13.62
C ARG A 255 10.26 -9.00 12.93
N ARG A 256 9.43 -8.06 12.48
CA ARG A 256 8.25 -8.38 11.70
C ARG A 256 8.63 -9.16 10.44
N VAL A 257 9.69 -8.73 9.75
CA VAL A 257 10.15 -9.44 8.56
C VAL A 257 10.63 -10.84 8.93
N HIS A 258 11.42 -10.95 10.01
CA HIS A 258 11.88 -12.25 10.47
C HIS A 258 10.70 -13.18 10.73
N ASP A 259 9.71 -12.68 11.47
CA ASP A 259 8.59 -13.52 11.88
C ASP A 259 7.76 -13.96 10.69
N SER A 260 7.72 -13.16 9.62
CA SER A 260 6.87 -13.47 8.48
C SER A 260 7.55 -14.37 7.45
N PHE A 261 8.88 -14.28 7.32
CA PHE A 261 9.59 -14.99 6.25
C PHE A 261 10.62 -15.98 6.74
N ILE A 262 11.14 -15.85 7.96
CA ILE A 262 12.21 -16.71 8.42
C ILE A 262 11.68 -17.78 9.37
N GLU A 263 10.98 -17.38 10.42
CA GLU A 263 10.45 -18.34 11.40
C GLU A 263 9.60 -17.61 12.42
N ASP A 264 8.57 -18.27 12.94
CA ASP A 264 7.67 -17.63 13.92
C ASP A 264 6.87 -18.66 14.71
#